data_4YYA
#
_entry.id   4YYA
#
_cell.length_a   114.194
_cell.length_b   114.194
_cell.length_c   164.962
_cell.angle_alpha   90.00
_cell.angle_beta   90.00
_cell.angle_gamma   120.00
#
_symmetry.space_group_name_H-M   'P 63'
#
loop_
_entity.id
_entity.type
_entity.pdbx_description
1 polymer HA1
2 polymer HA2
3 branched 'N-acetyl-alpha-neuraminic acid-(2-3)-beta-D-galactopyranose-(1-4)-2-acetamido-2-deoxy-beta-D-glucopyranose-(1-3)-beta-D-galactopyranose'
4 branched beta-D-mannopyranose-(1-4)-2-acetamido-2-deoxy-beta-D-glucopyranose-(1-4)-2-acetamido-2-deoxy-beta-D-glucopyranose
5 non-polymer 2-acetamido-2-deoxy-beta-D-glucopyranose
6 water water
#
loop_
_entity_poly.entity_id
_entity_poly.type
_entity_poly.pdbx_seq_one_letter_code
_entity_poly.pdbx_strand_id
1 'polypeptide(L)'
;DKICIGYHANNSTTQVDTLLEKNVTVTHSVELLENQKEKRFCKIMNKAPLDLKDCTIEGWILGNPKCDLLLGDQSWSYIV
ERPNAQNGICYPGVLNELEELKAFIGSGERVERFEMFPKSTWAGVDTSRGVTNACPSYTLDSSFYRNLVWLVKTDSATYP
VIKGTYNNTGTQPILYFWGVHHPLDTTVQDNLYGSGDKYVRMGTESMNFAKSPEIAARPAVNGQRSRIDYYWSVLRPGET
LNVESNGNLIAPWYAYKFVSTNKKGAVFKSDLPIENCDATCQTITGVLRTNKTFQNVSPLWIGECPKYVKSESLRLATGL
RNVPQ
;
A
2 'polypeptide(L)'
;GIFGAIAGFIEGGWTGMIDGWYGYHHENSQGSGYAADRESTQKAIDGITNKVNSIINKMNTQFEAVDHEFSNLERRIGNL
NKRMEDGFLDVWTYNAELLVLLENERTLDLHDANVKNLYEKVKSQLRDNANDLGNGCFEFWHKCDNECMESVKNGTYDYP
KYQKESKLNRQ
;
B
#
loop_
_chem_comp.id
_chem_comp.type
_chem_comp.name
_chem_comp.formula
BMA D-saccharide, beta linking beta-D-mannopyranose 'C6 H12 O6'
GAL D-saccharide, beta linking beta-D-galactopyranose 'C6 H12 O6'
NAG D-saccharide, beta linking 2-acetamido-2-deoxy-beta-D-glucopyranose 'C8 H15 N O6'
SIA D-saccharide, alpha linking 'N-acetyl-alpha-neuraminic acid' 'C11 H19 N O9'
#
# COMPACT_ATOMS: atom_id res chain seq x y z
N ASP A 1 -44.19 9.80 42.85
CA ASP A 1 -43.80 8.68 41.98
C ASP A 1 -43.65 9.13 40.52
N LYS A 2 -42.57 8.69 39.88
CA LYS A 2 -42.26 9.18 38.53
C LYS A 2 -41.29 8.32 37.73
N ILE A 3 -41.40 8.41 36.40
CA ILE A 3 -40.47 7.75 35.50
C ILE A 3 -40.01 8.76 34.45
N CYS A 4 -38.72 8.74 34.14
CA CYS A 4 -38.15 9.66 33.16
C CYS A 4 -37.52 8.89 32.02
N ILE A 5 -37.53 9.49 30.83
CA ILE A 5 -36.84 8.92 29.68
C ILE A 5 -35.56 9.72 29.48
N GLY A 6 -34.46 9.05 29.13
CA GLY A 6 -33.19 9.74 28.98
C GLY A 6 -32.15 8.95 28.20
N TYR A 7 -30.94 9.49 28.15
CA TYR A 7 -29.90 8.90 27.32
C TYR A 7 -28.54 8.88 28.02
N HIS A 8 -27.65 8.02 27.52
CA HIS A 8 -26.33 7.81 28.08
C HIS A 8 -25.43 9.05 27.99
N ALA A 9 -24.68 9.32 29.07
CA ALA A 9 -23.59 10.27 29.04
C ALA A 9 -22.37 9.59 29.68
N ASN A 10 -21.17 10.04 29.34
CA ASN A 10 -19.95 9.45 29.92
C ASN A 10 -18.79 10.43 30.04
N ASN A 11 -17.59 9.92 30.30
CA ASN A 11 -16.42 10.78 30.50
C ASN A 11 -15.65 11.08 29.22
N SER A 12 -16.21 10.69 28.07
CA SER A 12 -15.55 10.86 26.79
C SER A 12 -15.29 12.33 26.45
N THR A 13 -14.11 12.59 25.90
CA THR A 13 -13.74 13.90 25.37
C THR A 13 -13.42 13.78 23.88
N THR A 14 -13.69 12.60 23.32
CA THR A 14 -13.46 12.36 21.90
C THR A 14 -14.53 13.05 21.04
N GLN A 15 -14.09 13.72 19.98
CA GLN A 15 -15.00 14.50 19.14
C GLN A 15 -15.02 14.04 17.69
N VAL A 16 -16.12 14.33 17.01
CA VAL A 16 -16.23 14.08 15.57
C VAL A 16 -16.70 15.36 14.91
N ASP A 17 -16.60 15.42 13.58
CA ASP A 17 -17.20 16.53 12.85
C ASP A 17 -18.41 16.02 12.07
N THR A 18 -19.39 16.90 11.84
CA THR A 18 -20.53 16.60 10.98
C THR A 18 -20.64 17.73 9.95
N LEU A 19 -21.54 17.59 8.98
CA LEU A 19 -21.72 18.65 7.99
C LEU A 19 -22.22 19.95 8.63
N LEU A 20 -23.03 19.84 9.68
CA LEU A 20 -23.59 21.02 10.33
C LEU A 20 -22.76 21.56 11.50
N GLU A 21 -21.78 20.78 11.95
CA GLU A 21 -21.17 21.04 13.25
C GLU A 21 -19.77 20.45 13.39
N LYS A 22 -18.83 21.27 13.85
CA LYS A 22 -17.48 20.78 14.16
C LYS A 22 -17.30 20.51 15.64
N ASN A 23 -16.34 19.66 15.97
CA ASN A 23 -15.95 19.39 17.35
C ASN A 23 -17.12 19.05 18.28
N VAL A 24 -17.86 18.00 17.90
CA VAL A 24 -18.96 17.47 18.70
C VAL A 24 -18.46 16.27 19.51
N THR A 25 -18.49 16.40 20.83
CA THR A 25 -18.09 15.31 21.73
C THR A 25 -19.14 14.20 21.70
N VAL A 26 -18.69 12.96 21.48
CA VAL A 26 -19.61 11.81 21.43
C VAL A 26 -19.23 10.71 22.42
N THR A 27 -20.23 9.96 22.88
CA THR A 27 -20.03 8.92 23.88
C THR A 27 -19.18 7.76 23.37
N HIS A 28 -19.38 7.40 22.11
CA HIS A 28 -18.60 6.33 21.48
C HIS A 28 -18.32 6.68 20.02
N SER A 29 -17.13 6.32 19.54
CA SER A 29 -16.76 6.57 18.17
C SER A 29 -15.69 5.57 17.73
N VAL A 30 -15.34 5.60 16.45
CA VAL A 30 -14.34 4.67 15.92
C VAL A 30 -13.49 5.36 14.87
N GLU A 31 -12.18 5.28 15.03
CA GLU A 31 -11.23 5.86 14.08
C GLU A 31 -10.94 4.85 12.96
N LEU A 32 -11.09 5.28 11.71
CA LEU A 32 -10.93 4.39 10.57
C LEU A 32 -9.56 4.54 9.90
N LEU A 33 -8.81 5.56 10.29
CA LEU A 33 -7.54 5.86 9.64
C LEU A 33 -6.34 5.55 10.51
N GLU A 34 -5.36 4.84 9.92
CA GLU A 34 -4.08 4.60 10.59
C GLU A 34 -3.02 5.61 10.15
N ASN A 35 -2.39 6.27 11.13
CA ASN A 35 -1.31 7.21 10.83
C ASN A 35 0.05 6.74 11.39
N GLN A 36 0.08 5.53 11.93
CA GLN A 36 1.27 4.99 12.59
C GLN A 36 1.98 3.93 11.74
N LYS A 37 3.32 3.96 11.73
CA LYS A 37 4.11 2.94 11.03
C LYS A 37 5.37 2.54 11.82
N GLU A 38 5.84 1.32 11.60
CA GLU A 38 7.15 0.90 12.11
C GLU A 38 8.19 1.24 11.05
N LYS A 39 9.08 2.18 11.36
CA LYS A 39 10.04 2.68 10.37
C LYS A 39 11.14 1.65 10.09
N ARG A 40 10.78 0.62 9.31
CA ARG A 40 11.71 -0.46 8.97
C ARG A 40 11.11 -1.36 7.88
N PHE A 41 11.95 -2.18 7.26
CA PHE A 41 11.47 -3.19 6.33
C PHE A 41 11.43 -4.57 7.00
N CYS A 42 10.37 -5.32 6.72
CA CYS A 42 10.19 -6.65 7.31
C CYS A 42 9.93 -7.66 6.21
N LYS A 43 9.69 -8.91 6.62
CA LYS A 43 9.35 -9.97 5.69
C LYS A 43 7.86 -9.95 5.33
N ILE A 44 7.56 -10.36 4.10
CA ILE A 44 6.20 -10.44 3.59
C ILE A 44 5.97 -11.90 3.18
N MET A 45 4.92 -12.52 3.74
CA MET A 45 4.67 -13.95 3.54
C MET A 45 5.88 -14.76 4.00
N ASN A 46 6.42 -14.38 5.15
CA ASN A 46 7.65 -14.94 5.71
C ASN A 46 8.81 -15.04 4.70
N LYS A 47 8.81 -14.14 3.72
CA LYS A 47 9.86 -14.10 2.71
C LYS A 47 10.63 -12.77 2.82
N ALA A 48 11.94 -12.87 2.97
CA ALA A 48 12.79 -11.69 3.14
C ALA A 48 12.92 -10.88 1.86
N PRO A 49 13.07 -9.55 2.00
CA PRO A 49 13.35 -8.72 0.82
C PRO A 49 14.81 -8.81 0.40
N LEU A 50 15.14 -8.35 -0.80
CA LEU A 50 16.51 -8.31 -1.27
C LEU A 50 17.12 -6.92 -1.09
N ASP A 51 18.10 -6.78 -0.20
CA ASP A 51 18.81 -5.51 -0.02
C ASP A 51 19.95 -5.41 -1.03
N LEU A 52 19.94 -4.36 -1.84
CA LEU A 52 20.98 -4.16 -2.85
C LEU A 52 22.24 -3.61 -2.16
N LYS A 53 22.06 -2.92 -1.04
CA LYS A 53 23.15 -2.20 -0.36
C LYS A 53 23.78 -1.19 -1.33
N ASP A 54 25.09 -1.32 -1.55
CA ASP A 54 25.83 -0.30 -2.27
C ASP A 54 25.84 -0.55 -3.78
N CYS A 55 24.99 -1.47 -4.23
CA CYS A 55 24.82 -1.72 -5.67
C CYS A 55 23.47 -1.18 -6.14
N THR A 56 23.43 -0.67 -7.37
CA THR A 56 22.18 -0.30 -8.02
C THR A 56 21.63 -1.54 -8.72
N ILE A 57 20.41 -1.46 -9.24
CA ILE A 57 19.82 -2.57 -9.97
C ILE A 57 20.70 -2.98 -11.15
N GLU A 58 21.20 -1.99 -11.89
CA GLU A 58 22.05 -2.26 -13.04
C GLU A 58 23.34 -2.97 -12.66
N GLY A 59 24.00 -2.50 -11.60
CA GLY A 59 25.23 -3.10 -11.13
C GLY A 59 25.05 -4.53 -10.66
N TRP A 60 23.92 -4.78 -9.99
CA TRP A 60 23.60 -6.12 -9.52
C TRP A 60 23.39 -7.08 -10.69
N ILE A 61 22.55 -6.68 -11.64
CA ILE A 61 22.11 -7.60 -12.67
C ILE A 61 23.12 -7.73 -13.83
N LEU A 62 24.01 -6.75 -13.96
CA LEU A 62 25.06 -6.83 -14.97
C LEU A 62 26.23 -7.65 -14.46
N GLY A 63 26.39 -7.68 -13.14
CA GLY A 63 27.51 -8.37 -12.53
C GLY A 63 28.72 -7.47 -12.33
N ASN A 64 28.47 -6.22 -11.94
CA ASN A 64 29.52 -5.30 -11.52
C ASN A 64 30.38 -6.00 -10.47
N PRO A 65 31.70 -6.04 -10.70
CA PRO A 65 32.64 -6.81 -9.86
C PRO A 65 32.60 -6.42 -8.38
N LYS A 66 32.00 -5.28 -8.05
CA LYS A 66 31.84 -4.87 -6.66
C LYS A 66 30.47 -5.25 -6.08
N CYS A 67 29.69 -5.99 -6.86
CA CYS A 67 28.39 -6.46 -6.40
C CYS A 67 28.42 -7.98 -6.22
N ASP A 68 29.61 -8.52 -5.96
CA ASP A 68 29.80 -9.96 -5.83
C ASP A 68 29.04 -10.57 -4.65
N LEU A 69 28.79 -9.78 -3.61
CA LEU A 69 27.97 -10.24 -2.49
C LEU A 69 26.58 -10.69 -2.95
N LEU A 70 26.06 -10.02 -3.98
CA LEU A 70 24.73 -10.33 -4.51
C LEU A 70 24.77 -11.42 -5.56
N LEU A 71 25.95 -11.64 -6.14
CA LEU A 71 26.12 -12.53 -7.30
C LEU A 71 25.56 -13.94 -7.12
N GLY A 72 24.74 -14.37 -8.07
CA GLY A 72 24.18 -15.71 -8.05
C GLY A 72 22.67 -15.76 -7.97
N ASP A 73 22.14 -16.73 -7.22
CA ASP A 73 20.71 -16.88 -7.08
C ASP A 73 20.16 -15.93 -6.02
N GLN A 74 18.98 -15.37 -6.28
CA GLN A 74 18.28 -14.55 -5.31
C GLN A 74 16.77 -14.82 -5.33
N SER A 75 16.18 -14.88 -4.14
CA SER A 75 14.72 -14.87 -3.99
C SER A 75 14.37 -13.65 -3.16
N TRP A 76 13.20 -13.06 -3.42
CA TRP A 76 12.80 -11.86 -2.69
C TRP A 76 11.30 -11.62 -2.68
N SER A 77 10.81 -11.04 -1.59
CA SER A 77 9.42 -10.61 -1.50
C SER A 77 9.27 -9.20 -2.06
N TYR A 78 10.38 -8.46 -2.05
CA TYR A 78 10.51 -7.15 -2.70
C TYR A 78 11.96 -6.69 -2.70
N ILE A 79 12.25 -5.60 -3.41
CA ILE A 79 13.62 -5.12 -3.54
C ILE A 79 13.83 -3.76 -2.85
N VAL A 80 14.85 -3.68 -2.00
CA VAL A 80 15.23 -2.41 -1.39
C VAL A 80 16.50 -1.90 -2.07
N GLU A 81 16.39 -0.77 -2.77
CA GLU A 81 17.54 -0.15 -3.38
C GLU A 81 17.93 1.09 -2.57
N ARG A 82 19.22 1.25 -2.31
CA ARG A 82 19.69 2.36 -1.47
C ARG A 82 19.96 3.60 -2.32
N PRO A 83 19.57 4.77 -1.80
CA PRO A 83 19.55 6.05 -2.55
C PRO A 83 20.91 6.46 -3.11
N ASN A 84 21.97 6.31 -2.32
CA ASN A 84 23.30 6.70 -2.78
C ASN A 84 24.23 5.53 -3.10
N ALA A 85 23.65 4.46 -3.63
CA ALA A 85 24.42 3.29 -4.08
C ALA A 85 25.36 3.69 -5.21
N GLN A 86 26.60 3.22 -5.15
CA GLN A 86 27.63 3.68 -6.08
C GLN A 86 27.93 2.69 -7.20
N ASN A 87 27.65 1.41 -6.95
CA ASN A 87 28.04 0.36 -7.88
C ASN A 87 26.98 0.01 -8.91
N GLY A 88 27.03 0.70 -10.05
CA GLY A 88 26.10 0.45 -11.13
C GLY A 88 26.85 0.12 -12.41
N ILE A 89 26.66 0.95 -13.43
CA ILE A 89 27.39 0.79 -14.68
C ILE A 89 28.77 1.45 -14.53
N CYS A 90 29.81 0.64 -14.46
CA CYS A 90 31.16 1.15 -14.25
C CYS A 90 31.81 1.63 -15.56
N TYR A 91 31.76 0.81 -16.62
CA TYR A 91 32.23 1.26 -17.93
C TYR A 91 31.11 2.07 -18.59
N PRO A 92 31.36 3.36 -18.85
CA PRO A 92 30.35 4.31 -19.32
C PRO A 92 29.56 3.83 -20.52
N GLY A 93 28.28 4.16 -20.57
CA GLY A 93 27.40 3.74 -21.63
C GLY A 93 25.96 3.59 -21.16
N VAL A 94 25.02 3.50 -22.09
CA VAL A 94 23.60 3.44 -21.76
C VAL A 94 23.08 2.00 -21.70
N LEU A 95 22.31 1.68 -20.66
CA LEU A 95 21.56 0.43 -20.63
C LEU A 95 20.23 0.68 -21.36
N ASN A 96 20.04 0.01 -22.49
CA ASN A 96 18.86 0.24 -23.30
C ASN A 96 17.58 -0.24 -22.64
N GLU A 97 16.51 0.55 -22.78
CA GLU A 97 15.21 0.22 -22.20
C GLU A 97 15.35 -0.04 -20.72
N LEU A 98 16.10 0.82 -20.04
CA LEU A 98 16.38 0.69 -18.62
C LEU A 98 15.11 0.65 -17.78
N GLU A 99 14.20 1.57 -18.03
CA GLU A 99 12.98 1.67 -17.23
C GLU A 99 12.11 0.42 -17.41
N GLU A 100 12.06 -0.08 -18.65
CA GLU A 100 11.33 -1.31 -18.92
C GLU A 100 11.99 -2.52 -18.24
N LEU A 101 13.32 -2.53 -18.20
CA LEU A 101 14.06 -3.57 -17.49
C LEU A 101 13.76 -3.59 -15.99
N LYS A 102 13.73 -2.42 -15.35
CA LYS A 102 13.40 -2.33 -13.93
C LYS A 102 11.97 -2.80 -13.64
N ALA A 103 11.03 -2.41 -14.49
CA ALA A 103 9.65 -2.87 -14.33
C ALA A 103 9.58 -4.39 -14.46
N PHE A 104 10.36 -4.95 -15.38
CA PHE A 104 10.38 -6.38 -15.57
C PHE A 104 10.92 -7.09 -14.35
N ILE A 105 12.09 -6.66 -13.89
CA ILE A 105 12.73 -7.25 -12.72
C ILE A 105 11.81 -7.14 -11.50
N GLY A 106 11.15 -5.99 -11.34
CA GLY A 106 10.20 -5.79 -10.25
C GLY A 106 9.05 -6.78 -10.25
N SER A 107 8.69 -7.28 -11.42
CA SER A 107 7.60 -8.25 -11.53
C SER A 107 8.06 -9.66 -11.18
N GLY A 108 9.31 -9.78 -10.74
CA GLY A 108 9.89 -11.07 -10.46
C GLY A 108 9.94 -11.42 -8.99
N GLU A 109 10.54 -12.58 -8.69
CA GLU A 109 10.41 -13.22 -7.40
C GLU A 109 11.68 -14.01 -7.08
N ARG A 110 12.34 -14.47 -8.14
CA ARG A 110 13.54 -15.28 -8.00
C ARG A 110 14.35 -15.28 -9.28
N VAL A 111 15.67 -15.15 -9.18
CA VAL A 111 16.55 -15.37 -10.33
C VAL A 111 17.54 -16.50 -10.05
N GLU A 112 17.77 -17.34 -11.04
CA GLU A 112 18.81 -18.37 -10.97
C GLU A 112 19.89 -18.05 -11.99
N ARG A 113 21.07 -17.69 -11.52
CA ARG A 113 22.20 -17.41 -12.40
C ARG A 113 22.76 -18.72 -12.96
N PHE A 114 23.18 -18.68 -14.22
CA PHE A 114 23.76 -19.86 -14.89
C PHE A 114 24.61 -19.42 -16.08
N GLU A 115 25.62 -20.23 -16.42
CA GLU A 115 26.47 -19.93 -17.57
C GLU A 115 25.72 -20.24 -18.86
N MET A 116 25.47 -19.20 -19.67
CA MET A 116 24.68 -19.34 -20.90
C MET A 116 25.60 -19.60 -22.09
N PHE A 117 26.68 -18.83 -22.18
CA PHE A 117 27.70 -19.07 -23.19
C PHE A 117 29.06 -19.15 -22.51
N PRO A 118 29.61 -20.38 -22.37
CA PRO A 118 30.99 -20.52 -21.88
C PRO A 118 31.92 -19.81 -22.85
N LYS A 119 33.06 -19.32 -22.38
CA LYS A 119 33.97 -18.59 -23.26
C LYS A 119 34.48 -19.47 -24.40
N SER A 120 34.36 -20.79 -24.23
CA SER A 120 34.74 -21.74 -25.26
C SER A 120 33.83 -21.62 -26.50
N THR A 121 32.68 -20.98 -26.33
CA THR A 121 31.75 -20.76 -27.44
C THR A 121 32.41 -19.95 -28.56
N TRP A 122 33.25 -19.00 -28.17
CA TRP A 122 33.81 -18.03 -29.11
C TRP A 122 35.18 -18.43 -29.67
N ALA A 123 35.18 -18.97 -30.89
CA ALA A 123 36.38 -19.58 -31.48
C ALA A 123 37.24 -18.61 -32.30
N GLY A 124 38.54 -18.60 -32.02
CA GLY A 124 39.47 -17.78 -32.76
C GLY A 124 39.58 -16.34 -32.27
N VAL A 125 39.24 -16.15 -30.99
CA VAL A 125 39.30 -14.83 -30.36
C VAL A 125 39.79 -14.92 -28.91
N ASP A 126 40.19 -13.78 -28.34
CA ASP A 126 40.66 -13.78 -26.96
C ASP A 126 39.57 -13.39 -25.94
N THR A 127 39.41 -14.22 -24.92
CA THR A 127 38.37 -14.05 -23.92
C THR A 127 38.96 -13.82 -22.53
N SER A 128 40.25 -13.52 -22.49
CA SER A 128 40.97 -13.43 -21.22
C SER A 128 41.54 -12.05 -20.93
N ARG A 129 41.40 -11.12 -21.88
CA ARG A 129 42.05 -9.82 -21.78
C ARG A 129 41.02 -8.68 -21.76
N GLY A 130 39.75 -9.04 -21.56
CA GLY A 130 38.67 -8.07 -21.56
C GLY A 130 38.41 -7.44 -20.20
N VAL A 131 39.38 -6.66 -19.72
CA VAL A 131 39.23 -5.94 -18.45
C VAL A 131 39.46 -4.44 -18.65
N THR A 132 39.22 -3.67 -17.58
CA THR A 132 39.35 -2.22 -17.61
C THR A 132 39.40 -1.66 -16.19
N ASN A 133 40.13 -0.57 -16.01
CA ASN A 133 40.16 0.09 -14.71
C ASN A 133 38.94 0.97 -14.47
N ALA A 134 38.03 0.97 -15.44
CA ALA A 134 36.72 1.56 -15.24
C ALA A 134 35.91 0.66 -14.32
N CYS A 135 36.17 -0.65 -14.40
CA CYS A 135 35.43 -1.62 -13.59
C CYS A 135 36.37 -2.41 -12.67
N PRO A 136 36.80 -1.78 -11.56
CA PRO A 136 37.62 -2.53 -10.61
C PRO A 136 36.78 -3.43 -9.71
N SER A 137 37.36 -4.53 -9.26
CA SER A 137 36.76 -5.29 -8.16
C SER A 137 37.37 -4.76 -6.86
N TYR A 138 37.14 -5.46 -5.76
CA TYR A 138 37.72 -5.04 -4.48
C TYR A 138 39.16 -5.55 -4.32
N THR A 139 39.64 -6.30 -5.31
CA THR A 139 40.97 -6.89 -5.24
C THR A 139 41.90 -6.53 -6.41
N LEU A 140 41.34 -6.19 -7.57
CA LEU A 140 42.14 -5.74 -8.70
C LEU A 140 41.62 -4.43 -9.30
N ASP A 141 42.54 -3.64 -9.85
CA ASP A 141 42.19 -2.34 -10.41
C ASP A 141 41.48 -2.50 -11.75
N SER A 142 41.69 -3.62 -12.42
CA SER A 142 41.09 -3.86 -13.72
C SER A 142 40.33 -5.18 -13.82
N SER A 143 38.99 -5.09 -13.83
CA SER A 143 38.13 -6.26 -13.98
C SER A 143 37.00 -5.96 -14.98
N PHE A 144 35.89 -6.70 -14.89
CA PHE A 144 34.75 -6.49 -15.78
C PHE A 144 33.51 -7.19 -15.23
N TYR A 145 32.36 -6.92 -15.85
CA TYR A 145 31.10 -7.53 -15.45
C TYR A 145 31.16 -9.06 -15.45
N ARG A 146 30.66 -9.67 -14.37
CA ARG A 146 30.69 -11.13 -14.21
C ARG A 146 29.82 -11.84 -15.23
N ASN A 147 28.80 -11.16 -15.74
CA ASN A 147 27.83 -11.77 -16.65
C ASN A 147 28.11 -11.46 -18.12
N LEU A 148 29.14 -10.67 -18.37
CA LEU A 148 29.53 -10.32 -19.73
C LEU A 148 30.99 -10.66 -19.96
N VAL A 149 31.36 -10.85 -21.22
CA VAL A 149 32.77 -11.04 -21.55
C VAL A 149 33.19 -10.15 -22.72
N TRP A 150 34.18 -9.31 -22.47
CA TRP A 150 34.71 -8.40 -23.48
C TRP A 150 35.66 -9.15 -24.40
N LEU A 151 35.24 -9.36 -25.65
CA LEU A 151 36.02 -10.15 -26.60
C LEU A 151 36.98 -9.25 -27.40
N VAL A 152 38.24 -9.65 -27.43
CA VAL A 152 39.28 -8.96 -28.19
C VAL A 152 39.92 -9.94 -29.16
N LYS A 153 40.32 -9.47 -30.35
CA LYS A 153 41.00 -10.33 -31.32
C LYS A 153 42.34 -10.84 -30.75
N THR A 154 42.80 -11.98 -31.25
CA THR A 154 44.00 -12.63 -30.70
C THR A 154 45.32 -12.05 -31.22
N ASP A 155 46.39 -12.35 -30.49
CA ASP A 155 47.79 -11.97 -30.78
C ASP A 155 48.07 -10.91 -31.86
N SER A 156 47.70 -11.21 -33.10
CA SER A 156 48.00 -10.34 -34.25
C SER A 156 47.08 -10.66 -35.43
N ALA A 157 46.26 -11.71 -35.27
CA ALA A 157 45.39 -12.15 -36.35
C ALA A 157 44.25 -11.16 -36.62
N THR A 158 43.28 -11.57 -37.43
CA THR A 158 42.07 -10.79 -37.61
C THR A 158 41.00 -11.27 -36.64
N TYR A 159 39.98 -10.45 -36.41
CA TYR A 159 38.81 -10.87 -35.63
C TYR A 159 37.87 -11.57 -36.60
N PRO A 160 37.77 -12.91 -36.46
CA PRO A 160 36.96 -13.71 -37.39
C PRO A 160 35.48 -13.63 -37.03
N VAL A 161 34.62 -14.31 -37.78
CA VAL A 161 33.22 -14.38 -37.42
C VAL A 161 33.02 -15.43 -36.32
N ILE A 162 32.60 -14.97 -35.15
CA ILE A 162 32.31 -15.87 -34.04
C ILE A 162 30.81 -16.09 -33.94
N LYS A 163 30.42 -17.26 -33.44
CA LYS A 163 29.00 -17.61 -33.36
C LYS A 163 28.66 -18.32 -32.05
N GLY A 164 27.39 -18.22 -31.66
CA GLY A 164 26.91 -18.83 -30.43
C GLY A 164 25.44 -19.17 -30.53
N THR A 165 25.03 -20.21 -29.82
CA THR A 165 23.63 -20.61 -29.82
C THR A 165 23.22 -21.15 -28.45
N TYR A 166 22.05 -20.73 -27.98
CA TYR A 166 21.48 -21.33 -26.78
C TYR A 166 20.01 -21.66 -27.02
N ASN A 167 19.63 -22.89 -26.73
CA ASN A 167 18.24 -23.33 -26.87
C ASN A 167 17.60 -23.45 -25.50
N ASN A 168 16.65 -22.57 -25.19
CA ASN A 168 15.93 -22.62 -23.92
C ASN A 168 14.97 -23.81 -23.89
N THR A 169 15.44 -24.90 -23.30
CA THR A 169 14.66 -26.12 -23.20
C THR A 169 13.98 -26.20 -21.82
N GLY A 170 14.21 -25.19 -21.00
CA GLY A 170 13.61 -25.13 -19.68
C GLY A 170 12.18 -24.58 -19.68
N THR A 171 11.61 -24.45 -18.49
CA THR A 171 10.25 -23.96 -18.31
C THR A 171 10.21 -22.46 -17.98
N GLN A 172 11.36 -21.89 -17.69
CA GLN A 172 11.45 -20.48 -17.28
C GLN A 172 12.01 -19.58 -18.37
N PRO A 173 11.51 -18.34 -18.46
CA PRO A 173 12.10 -17.34 -19.35
C PRO A 173 13.50 -16.97 -18.86
N ILE A 174 14.38 -16.59 -19.78
CA ILE A 174 15.76 -16.27 -19.42
C ILE A 174 16.10 -14.80 -19.68
N LEU A 175 16.50 -14.10 -18.62
CA LEU A 175 16.92 -12.71 -18.75
C LEU A 175 18.42 -12.65 -19.01
N TYR A 176 18.81 -12.06 -20.14
CA TYR A 176 20.24 -12.00 -20.50
C TYR A 176 20.64 -10.65 -21.03
N PHE A 177 21.96 -10.43 -21.09
CA PHE A 177 22.50 -9.12 -21.46
C PHE A 177 23.61 -9.23 -22.49
N TRP A 178 23.84 -8.15 -23.22
CA TRP A 178 24.98 -8.07 -24.12
C TRP A 178 25.29 -6.62 -24.43
N GLY A 179 26.40 -6.38 -25.12
CA GLY A 179 26.80 -5.02 -25.40
C GLY A 179 27.49 -4.87 -26.75
N VAL A 180 27.68 -3.62 -27.15
CA VAL A 180 28.45 -3.30 -28.34
C VAL A 180 29.45 -2.24 -27.91
N HIS A 181 30.74 -2.46 -28.18
CA HIS A 181 31.75 -1.48 -27.80
C HIS A 181 31.90 -0.39 -28.86
N HIS A 182 31.98 0.85 -28.41
CA HIS A 182 32.19 1.99 -29.30
C HIS A 182 33.49 2.72 -28.93
N PRO A 183 34.60 2.36 -29.60
CA PRO A 183 35.92 2.95 -29.33
C PRO A 183 35.95 4.45 -29.64
N LEU A 184 36.86 5.18 -28.99
CA LEU A 184 36.96 6.62 -29.20
C LEU A 184 37.56 7.00 -30.55
N ASP A 185 38.48 6.19 -31.06
CA ASP A 185 39.10 6.44 -32.36
C ASP A 185 39.27 5.18 -33.20
N THR A 186 39.74 5.34 -34.44
CA THR A 186 39.90 4.23 -35.37
C THR A 186 41.13 3.37 -35.09
N THR A 187 42.06 3.88 -34.28
CA THR A 187 43.25 3.13 -33.90
C THR A 187 42.89 2.07 -32.85
N VAL A 188 42.22 2.51 -31.79
CA VAL A 188 41.74 1.61 -30.75
C VAL A 188 40.86 0.52 -31.36
N GLN A 189 39.97 0.92 -32.26
CA GLN A 189 39.15 -0.01 -33.02
C GLN A 189 40.02 -1.08 -33.69
N ASP A 190 40.95 -0.61 -34.52
CA ASP A 190 41.87 -1.48 -35.25
C ASP A 190 42.71 -2.34 -34.29
N ASN A 191 43.16 -1.74 -33.19
CA ASN A 191 44.00 -2.46 -32.22
C ASN A 191 43.26 -3.56 -31.46
N LEU A 192 41.93 -3.48 -31.42
CA LEU A 192 41.12 -4.42 -30.64
C LEU A 192 40.38 -5.44 -31.50
N TYR A 193 39.85 -4.99 -32.63
CA TYR A 193 38.98 -5.83 -33.45
C TYR A 193 39.49 -5.94 -34.88
N GLY A 194 40.55 -5.19 -35.19
CA GLY A 194 41.15 -5.21 -36.52
C GLY A 194 40.47 -4.29 -37.50
N SER A 195 40.81 -4.42 -38.78
CA SER A 195 40.22 -3.59 -39.83
C SER A 195 38.91 -4.22 -40.35
N GLY A 196 38.13 -3.42 -41.09
CA GLY A 196 36.90 -3.92 -41.69
C GLY A 196 35.66 -3.35 -41.03
N ASP A 197 34.51 -3.53 -41.68
CA ASP A 197 33.25 -3.08 -41.11
C ASP A 197 32.69 -4.16 -40.17
N LYS A 198 32.52 -3.79 -38.90
CA LYS A 198 32.12 -4.76 -37.89
C LYS A 198 30.63 -4.67 -37.55
N TYR A 199 30.10 -5.75 -36.97
CA TYR A 199 28.69 -5.83 -36.65
C TYR A 199 28.44 -6.77 -35.47
N VAL A 200 27.31 -6.57 -34.83
CA VAL A 200 26.82 -7.51 -33.82
C VAL A 200 25.38 -7.84 -34.19
N ARG A 201 25.12 -9.10 -34.48
CA ARG A 201 23.77 -9.50 -34.85
C ARG A 201 23.25 -10.61 -33.95
N MET A 202 21.98 -10.48 -33.57
CA MET A 202 21.35 -11.44 -32.67
C MET A 202 19.91 -11.66 -33.12
N GLY A 203 19.40 -12.86 -32.89
CA GLY A 203 18.06 -13.20 -33.33
C GLY A 203 17.49 -14.39 -32.59
N THR A 204 16.18 -14.34 -32.36
CA THR A 204 15.43 -15.47 -31.84
C THR A 204 14.25 -15.67 -32.77
N GLU A 205 13.28 -16.47 -32.34
CA GLU A 205 12.07 -16.70 -33.13
C GLU A 205 11.21 -15.43 -33.22
N SER A 206 11.37 -14.53 -32.24
CA SER A 206 10.50 -13.36 -32.13
C SER A 206 11.27 -12.04 -32.04
N MET A 207 12.59 -12.13 -32.00
CA MET A 207 13.44 -10.96 -31.81
C MET A 207 14.61 -11.04 -32.76
N ASN A 208 14.97 -9.91 -33.36
CA ASN A 208 16.25 -9.81 -34.07
C ASN A 208 16.88 -8.43 -33.86
N PHE A 209 18.20 -8.43 -33.76
CA PHE A 209 18.95 -7.24 -33.35
C PHE A 209 20.18 -7.12 -34.23
N ALA A 210 20.49 -5.90 -34.64
CA ALA A 210 21.68 -5.65 -35.44
C ALA A 210 22.23 -4.27 -35.10
N LYS A 211 23.52 -4.22 -34.79
CA LYS A 211 24.17 -2.94 -34.53
C LYS A 211 25.61 -2.93 -35.01
N SER A 212 26.12 -1.73 -35.30
CA SER A 212 27.50 -1.55 -35.73
C SER A 212 28.12 -0.46 -34.87
N PRO A 213 29.43 -0.59 -34.60
CA PRO A 213 30.10 0.39 -33.73
C PRO A 213 30.06 1.81 -34.27
N GLU A 214 29.90 2.77 -33.36
CA GLU A 214 29.84 4.18 -33.71
C GLU A 214 31.04 4.88 -33.07
N ILE A 215 32.08 5.07 -33.88
CA ILE A 215 33.38 5.54 -33.38
C ILE A 215 33.48 7.05 -33.26
N ALA A 216 33.66 7.53 -32.03
CA ALA A 216 33.81 8.95 -31.73
C ALA A 216 34.27 9.13 -30.29
N ALA A 217 34.92 10.25 -30.02
CA ALA A 217 35.35 10.56 -28.65
C ALA A 217 34.23 11.26 -27.89
N ARG A 218 33.75 10.63 -26.82
CA ARG A 218 32.78 11.25 -25.93
C ARG A 218 33.54 11.81 -24.74
N PRO A 219 32.91 12.71 -23.96
CA PRO A 219 33.55 13.19 -22.74
C PRO A 219 33.97 12.04 -21.82
N ALA A 220 35.04 12.20 -21.06
CA ALA A 220 35.55 11.12 -20.24
C ALA A 220 34.67 10.85 -19.01
N VAL A 221 34.31 9.57 -18.82
CA VAL A 221 33.60 9.12 -17.62
C VAL A 221 34.33 7.89 -17.09
N ASN A 222 34.75 7.93 -15.83
CA ASN A 222 35.57 6.87 -15.24
C ASN A 222 36.85 6.55 -16.05
N GLY A 223 37.43 7.59 -16.65
CA GLY A 223 38.67 7.45 -17.41
C GLY A 223 38.48 6.99 -18.85
N GLN A 224 37.24 6.94 -19.32
CA GLN A 224 36.96 6.39 -20.65
C GLN A 224 36.24 7.36 -21.57
N ARG A 225 36.76 7.50 -22.80
CA ARG A 225 36.15 8.33 -23.82
C ARG A 225 35.37 7.43 -24.77
N SER A 226 35.58 6.13 -24.62
CA SER A 226 34.82 5.12 -25.35
C SER A 226 33.50 4.85 -24.63
N ARG A 227 32.61 4.12 -25.29
CA ARG A 227 31.32 3.78 -24.70
C ARG A 227 30.95 2.33 -24.95
N ILE A 228 29.98 1.84 -24.20
CA ILE A 228 29.35 0.56 -24.50
C ILE A 228 27.84 0.73 -24.51
N ASP A 229 27.18 0.26 -25.56
CA ASP A 229 25.73 0.19 -25.53
C ASP A 229 25.31 -1.17 -24.97
N TYR A 230 24.81 -1.16 -23.74
CA TYR A 230 24.34 -2.39 -23.11
C TYR A 230 22.93 -2.70 -23.56
N TYR A 231 22.61 -3.98 -23.63
CA TYR A 231 21.27 -4.40 -24.05
C TYR A 231 20.81 -5.55 -23.20
N TRP A 232 19.51 -5.81 -23.22
CA TRP A 232 18.93 -6.90 -22.46
C TRP A 232 17.72 -7.42 -23.21
N SER A 233 17.39 -8.67 -22.98
CA SER A 233 16.21 -9.25 -23.58
C SER A 233 15.77 -10.44 -22.73
N VAL A 234 14.64 -11.03 -23.09
CA VAL A 234 14.14 -12.20 -22.39
C VAL A 234 13.93 -13.33 -23.41
N LEU A 235 14.69 -14.42 -23.25
CA LEU A 235 14.55 -15.58 -24.12
C LEU A 235 13.46 -16.48 -23.56
N ARG A 236 12.34 -16.57 -24.27
CA ARG A 236 11.18 -17.31 -23.79
C ARG A 236 11.43 -18.81 -23.81
N PRO A 237 10.71 -19.56 -22.97
CA PRO A 237 10.82 -21.03 -22.95
C PRO A 237 10.52 -21.60 -24.34
N GLY A 238 11.45 -22.36 -24.91
CA GLY A 238 11.25 -22.95 -26.22
C GLY A 238 11.95 -22.18 -27.33
N GLU A 239 12.31 -20.93 -27.05
CA GLU A 239 13.04 -20.11 -28.01
C GLU A 239 14.52 -20.45 -27.97
N THR A 240 15.21 -20.20 -29.08
CA THR A 240 16.67 -20.30 -29.10
C THR A 240 17.28 -18.98 -29.57
N LEU A 241 18.46 -18.65 -29.05
CA LEU A 241 19.14 -17.42 -29.42
C LEU A 241 20.34 -17.72 -30.31
N ASN A 242 20.49 -16.96 -31.38
CA ASN A 242 21.69 -17.04 -32.21
C ASN A 242 22.49 -15.75 -32.11
N VAL A 243 23.79 -15.89 -31.85
CA VAL A 243 24.68 -14.74 -31.80
C VAL A 243 25.67 -14.83 -32.96
N GLU A 244 25.92 -13.69 -33.60
CA GLU A 244 26.87 -13.64 -34.71
C GLU A 244 27.51 -12.25 -34.76
N SER A 245 28.84 -12.23 -34.62
CA SER A 245 29.58 -10.99 -34.66
C SER A 245 30.96 -11.21 -35.28
N ASN A 246 31.56 -10.13 -35.76
CA ASN A 246 32.95 -10.17 -36.23
C ASN A 246 33.78 -9.11 -35.52
N GLY A 247 33.30 -8.66 -34.36
CA GLY A 247 34.00 -7.65 -33.59
C GLY A 247 33.09 -6.71 -32.82
N ASN A 248 33.67 -6.03 -31.83
CA ASN A 248 32.93 -5.07 -30.98
C ASN A 248 31.83 -5.70 -30.13
N LEU A 249 31.90 -7.01 -29.91
CA LEU A 249 30.89 -7.69 -29.11
C LEU A 249 31.28 -7.83 -27.65
N ILE A 250 30.44 -7.29 -26.77
CA ILE A 250 30.49 -7.66 -25.36
C ILE A 250 29.49 -8.82 -25.23
N ALA A 251 30.00 -10.04 -25.08
CA ALA A 251 29.16 -11.23 -25.18
C ALA A 251 28.39 -11.56 -23.91
N PRO A 252 27.18 -12.14 -24.07
CA PRO A 252 26.51 -12.70 -22.89
C PRO A 252 27.32 -13.90 -22.40
N TRP A 253 27.51 -14.01 -21.09
CA TRP A 253 28.27 -15.10 -20.50
C TRP A 253 27.39 -15.87 -19.51
N TYR A 254 27.04 -15.19 -18.42
CA TYR A 254 26.06 -15.71 -17.47
C TYR A 254 24.71 -14.99 -17.64
N ALA A 255 23.62 -15.73 -17.43
CA ALA A 255 22.28 -15.15 -17.56
C ALA A 255 21.41 -15.59 -16.37
N TYR A 256 20.13 -15.25 -16.40
CA TYR A 256 19.26 -15.56 -15.27
C TYR A 256 17.98 -16.29 -15.66
N LYS A 257 17.72 -17.42 -15.03
CA LYS A 257 16.39 -18.03 -15.10
C LYS A 257 15.48 -17.21 -14.19
N PHE A 258 14.39 -16.71 -14.75
CA PHE A 258 13.58 -15.71 -14.09
C PHE A 258 12.21 -16.26 -13.71
N VAL A 259 11.86 -16.20 -12.43
CA VAL A 259 10.54 -16.59 -11.96
C VAL A 259 9.68 -15.35 -11.75
N SER A 260 8.63 -15.20 -12.54
CA SER A 260 7.74 -14.04 -12.44
C SER A 260 6.78 -14.18 -11.25
N THR A 261 6.65 -13.12 -10.47
CA THR A 261 5.71 -13.12 -9.35
C THR A 261 4.28 -13.06 -9.87
N ASN A 262 3.42 -13.91 -9.31
CA ASN A 262 1.99 -13.85 -9.58
C ASN A 262 1.43 -12.58 -8.98
N LYS A 263 2.05 -12.12 -7.89
CA LYS A 263 1.57 -10.97 -7.14
C LYS A 263 1.87 -9.64 -7.82
N LYS A 264 2.33 -8.69 -7.03
CA LYS A 264 2.47 -7.30 -7.47
C LYS A 264 3.92 -6.96 -7.81
N GLY A 265 4.80 -7.12 -6.83
CA GLY A 265 6.20 -6.79 -7.01
C GLY A 265 6.49 -5.32 -6.74
N ALA A 266 7.47 -5.07 -5.88
CA ALA A 266 7.84 -3.69 -5.54
C ALA A 266 9.34 -3.47 -5.54
N VAL A 267 9.75 -2.26 -5.91
CA VAL A 267 11.14 -1.83 -5.75
C VAL A 267 11.14 -0.57 -4.89
N PHE A 268 11.58 -0.71 -3.64
CA PHE A 268 11.57 0.41 -2.71
C PHE A 268 12.91 1.14 -2.71
N LYS A 269 12.88 2.45 -2.97
CA LYS A 269 14.07 3.29 -2.86
C LYS A 269 14.04 3.92 -1.47
N SER A 270 14.82 3.35 -0.55
CA SER A 270 14.79 3.80 0.83
C SER A 270 16.10 3.52 1.55
N ASP A 271 16.34 4.28 2.62
CA ASP A 271 17.51 4.05 3.45
C ASP A 271 17.10 3.45 4.80
N LEU A 272 15.88 2.90 4.84
CA LEU A 272 15.34 2.28 6.06
C LEU A 272 15.96 0.90 6.32
N PRO A 273 16.16 0.58 7.60
CA PRO A 273 16.78 -0.69 8.00
C PRO A 273 15.88 -1.89 7.70
N ILE A 274 16.46 -3.00 7.26
CA ILE A 274 15.75 -4.26 7.15
C ILE A 274 16.00 -5.05 8.43
N GLU A 275 14.94 -5.33 9.18
CA GLU A 275 15.09 -6.00 10.46
C GLU A 275 14.51 -7.42 10.42
N ASN A 276 14.68 -8.15 11.52
CA ASN A 276 14.17 -9.52 11.57
C ASN A 276 12.75 -9.55 12.13
N CYS A 277 11.77 -9.32 11.25
CA CYS A 277 10.38 -9.25 11.66
C CYS A 277 9.45 -9.67 10.51
N ASP A 278 8.22 -10.03 10.86
CA ASP A 278 7.23 -10.36 9.86
C ASP A 278 6.20 -9.24 9.71
N ALA A 279 5.59 -9.15 8.53
CA ALA A 279 4.55 -8.16 8.28
C ALA A 279 3.57 -8.65 7.24
N THR A 280 2.39 -8.03 7.20
CA THR A 280 1.40 -8.31 6.18
C THR A 280 1.30 -7.12 5.23
N CYS A 281 1.65 -5.95 5.75
CA CYS A 281 1.59 -4.71 4.99
C CYS A 281 2.91 -3.93 5.10
N GLN A 282 3.60 -3.78 3.98
CA GLN A 282 4.86 -3.04 3.98
C GLN A 282 4.80 -1.86 3.01
N THR A 283 4.79 -0.64 3.54
CA THR A 283 4.91 0.55 2.69
C THR A 283 6.37 0.95 2.56
N ILE A 284 6.66 1.85 1.62
CA ILE A 284 8.02 2.31 1.38
C ILE A 284 8.57 3.09 2.58
N THR A 285 7.67 3.63 3.41
CA THR A 285 8.09 4.40 4.58
C THR A 285 7.96 3.64 5.90
N GLY A 286 7.59 2.37 5.82
CA GLY A 286 7.47 1.56 7.02
C GLY A 286 6.34 0.55 7.03
N VAL A 287 6.27 -0.24 8.09
CA VAL A 287 5.25 -1.30 8.25
C VAL A 287 3.97 -0.78 8.89
N LEU A 288 2.83 -1.24 8.41
CA LEU A 288 1.55 -0.96 9.07
C LEU A 288 1.01 -2.22 9.78
N ARG A 289 0.72 -2.11 11.07
CA ARG A 289 0.00 -3.15 11.79
C ARG A 289 -1.35 -2.62 12.22
N THR A 290 -2.36 -2.84 11.38
CA THR A 290 -3.69 -2.32 11.64
C THR A 290 -4.79 -3.23 11.16
N ASN A 291 -5.98 -3.02 11.73
CA ASN A 291 -7.20 -3.60 11.23
C ASN A 291 -8.01 -2.48 10.62
N LYS A 292 -7.38 -1.31 10.46
CA LYS A 292 -8.07 -0.12 9.97
C LYS A 292 -8.27 -0.09 8.45
N THR A 293 -9.24 0.72 8.02
CA THR A 293 -9.69 0.77 6.63
C THR A 293 -8.85 1.74 5.80
N PHE A 294 -8.38 2.81 6.44
CA PHE A 294 -7.62 3.84 5.77
C PHE A 294 -6.25 4.06 6.41
N GLN A 295 -5.36 4.71 5.65
CA GLN A 295 -4.03 5.07 6.16
C GLN A 295 -3.49 6.25 5.36
N ASN A 296 -2.75 7.14 6.04
CA ASN A 296 -2.17 8.30 5.37
C ASN A 296 -0.64 8.27 5.38
N VAL A 297 -0.09 7.06 5.43
CA VAL A 297 1.35 6.87 5.52
C VAL A 297 2.03 6.89 4.15
N SER A 298 1.48 6.12 3.20
CA SER A 298 2.05 6.04 1.86
C SER A 298 1.13 5.35 0.84
N PRO A 299 1.16 5.82 -0.42
CA PRO A 299 0.47 5.15 -1.53
C PRO A 299 1.30 3.99 -2.09
N LEU A 300 2.58 3.91 -1.71
CA LEU A 300 3.47 2.87 -2.21
C LEU A 300 3.64 1.73 -1.20
N TRP A 301 3.17 0.53 -1.57
CA TRP A 301 3.29 -0.60 -0.66
C TRP A 301 3.32 -1.95 -1.35
N ILE A 302 3.62 -2.99 -0.56
CA ILE A 302 3.53 -4.37 -0.98
C ILE A 302 2.74 -5.09 0.12
N GLY A 303 2.00 -6.13 -0.22
CA GLY A 303 1.17 -6.82 0.76
C GLY A 303 -0.27 -6.30 0.79
N GLU A 304 -1.01 -6.67 1.83
CA GLU A 304 -2.40 -6.26 1.97
C GLU A 304 -2.52 -5.02 2.86
N CYS A 305 -2.65 -3.85 2.24
CA CYS A 305 -2.65 -2.58 2.98
C CYS A 305 -4.01 -1.88 2.97
N PRO A 306 -4.22 -0.95 3.93
CA PRO A 306 -5.44 -0.14 3.89
C PRO A 306 -5.36 0.93 2.80
N LYS A 307 -6.52 1.44 2.38
CA LYS A 307 -6.60 2.45 1.33
C LYS A 307 -5.85 3.74 1.71
N TYR A 308 -4.98 4.21 0.83
CA TYR A 308 -4.25 5.46 1.09
C TYR A 308 -5.15 6.68 0.85
N VAL A 309 -5.02 7.64 1.76
CA VAL A 309 -5.90 8.80 1.78
C VAL A 309 -5.12 9.96 2.41
N LYS A 310 -5.45 11.19 2.06
CA LYS A 310 -4.68 12.33 2.55
C LYS A 310 -5.12 12.85 3.93
N SER A 311 -6.25 12.35 4.42
CA SER A 311 -6.83 12.83 5.67
C SER A 311 -5.95 12.59 6.91
N GLU A 312 -6.11 13.43 7.92
CA GLU A 312 -5.43 13.21 9.19
C GLU A 312 -6.25 12.32 10.12
N SER A 313 -7.57 12.33 9.91
CA SER A 313 -8.47 11.56 10.76
C SER A 313 -9.81 11.30 10.05
N LEU A 314 -10.32 10.09 10.22
CA LEU A 314 -11.60 9.70 9.68
C LEU A 314 -12.37 9.04 10.83
N ARG A 315 -12.82 9.86 11.77
CA ARG A 315 -13.47 9.39 12.98
C ARG A 315 -14.99 9.35 12.81
N LEU A 316 -15.53 8.13 12.91
CA LEU A 316 -16.94 7.88 12.71
C LEU A 316 -17.65 7.80 14.06
N ALA A 317 -18.70 8.61 14.22
CA ALA A 317 -19.52 8.54 15.43
C ALA A 317 -20.29 7.22 15.46
N THR A 318 -20.40 6.63 16.64
CA THR A 318 -21.23 5.44 16.82
C THR A 318 -22.21 5.70 17.94
N GLY A 319 -21.71 6.21 19.06
CA GLY A 319 -22.57 6.62 20.16
C GLY A 319 -23.26 7.95 19.89
N LEU A 320 -23.89 8.52 20.91
CA LEU A 320 -24.64 9.76 20.75
C LEU A 320 -23.86 10.97 21.26
N ARG A 321 -24.42 12.15 21.04
CA ARG A 321 -23.85 13.40 21.57
C ARG A 321 -23.69 13.33 23.09
N ASN A 322 -22.48 13.59 23.56
CA ASN A 322 -22.18 13.47 24.98
C ASN A 322 -22.53 14.76 25.72
N VAL A 323 -23.56 14.69 26.57
CA VAL A 323 -24.04 15.85 27.33
C VAL A 323 -24.13 15.51 28.83
N PRO A 324 -22.97 15.40 29.51
CA PRO A 324 -23.01 15.05 30.94
C PRO A 324 -23.47 16.23 31.80
N GLN A 325 -24.08 15.96 32.95
CA GLN A 325 -24.54 17.02 33.86
C GLN A 325 -24.35 16.64 35.31
N GLY B 1 -30.65 19.20 17.57
CA GLY B 1 -31.11 18.01 16.87
C GLY B 1 -32.47 18.21 16.22
N ILE B 2 -32.65 17.59 15.06
CA ILE B 2 -33.88 17.74 14.30
C ILE B 2 -35.09 17.02 14.92
N PHE B 3 -34.86 16.13 15.88
CA PHE B 3 -36.00 15.53 16.56
C PHE B 3 -36.26 16.18 17.90
N GLY B 4 -35.33 17.02 18.35
CA GLY B 4 -35.58 17.93 19.46
C GLY B 4 -35.47 17.32 20.85
N ALA B 5 -35.08 16.05 20.91
CA ALA B 5 -34.95 15.36 22.20
C ALA B 5 -33.56 15.54 22.83
N ILE B 6 -32.54 14.94 22.22
CA ILE B 6 -31.19 14.99 22.78
C ILE B 6 -30.66 16.42 22.82
N ALA B 7 -30.18 16.84 23.99
CA ALA B 7 -29.78 18.24 24.21
C ALA B 7 -30.89 19.19 23.74
N GLY B 8 -32.14 18.78 23.99
CA GLY B 8 -33.32 19.54 23.62
C GLY B 8 -34.26 19.60 24.81
N PHE B 9 -35.45 19.04 24.68
CA PHE B 9 -36.39 19.06 25.81
C PHE B 9 -35.93 18.08 26.91
N ILE B 10 -35.07 17.13 26.55
CA ILE B 10 -34.31 16.39 27.57
C ILE B 10 -32.88 16.94 27.55
N GLU B 11 -32.61 17.87 28.48
CA GLU B 11 -31.45 18.76 28.43
C GLU B 11 -30.09 18.08 28.47
N GLY B 12 -29.96 17.01 29.23
CA GLY B 12 -28.68 16.34 29.34
C GLY B 12 -28.78 14.83 29.38
N GLY B 13 -27.62 14.18 29.33
CA GLY B 13 -27.57 12.74 29.46
C GLY B 13 -27.45 12.32 30.91
N TRP B 14 -27.34 11.01 31.13
CA TRP B 14 -27.23 10.43 32.45
C TRP B 14 -25.93 9.62 32.57
N THR B 15 -24.96 10.15 33.33
CA THR B 15 -23.74 9.37 33.62
C THR B 15 -24.07 8.14 34.45
N GLY B 16 -25.21 8.20 35.16
CA GLY B 16 -25.67 7.11 35.99
C GLY B 16 -26.27 5.93 35.25
N MET B 17 -26.60 6.12 33.98
CA MET B 17 -27.10 4.99 33.17
C MET B 17 -25.96 4.46 32.31
N ILE B 18 -25.30 3.40 32.79
CA ILE B 18 -24.06 2.92 32.19
C ILE B 18 -24.22 1.70 31.29
N ASP B 19 -25.39 1.06 31.34
CA ASP B 19 -25.59 -0.21 30.63
C ASP B 19 -26.31 -0.09 29.27
N GLY B 20 -26.44 1.12 28.75
CA GLY B 20 -27.03 1.32 27.44
C GLY B 20 -27.12 2.76 26.98
N TRP B 21 -27.62 2.96 25.76
CA TRP B 21 -27.71 4.29 25.17
C TRP B 21 -28.98 5.03 25.57
N TYR B 22 -30.12 4.32 25.54
CA TYR B 22 -31.40 4.91 25.91
C TYR B 22 -32.00 4.13 27.06
N GLY B 23 -32.70 4.83 27.96
CA GLY B 23 -33.36 4.13 29.04
C GLY B 23 -34.18 5.01 29.96
N TYR B 24 -34.33 4.57 31.20
CA TYR B 24 -35.25 5.21 32.12
C TYR B 24 -34.62 5.50 33.47
N HIS B 25 -35.16 6.51 34.14
CA HIS B 25 -34.92 6.70 35.55
C HIS B 25 -36.29 6.70 36.23
N HIS B 26 -36.49 5.80 37.19
CA HIS B 26 -37.76 5.74 37.89
C HIS B 26 -37.58 6.11 39.36
N GLU B 27 -38.69 6.42 40.01
CA GLU B 27 -38.64 6.89 41.38
C GLU B 27 -39.97 6.57 42.07
N ASN B 28 -39.94 5.69 43.07
CA ASN B 28 -41.13 5.34 43.85
C ASN B 28 -40.81 5.05 45.32
N SER B 29 -41.76 4.44 46.03
CA SER B 29 -41.59 4.13 47.46
C SER B 29 -40.40 3.22 47.75
N GLN B 30 -40.05 2.36 46.80
CA GLN B 30 -38.90 1.48 46.95
C GLN B 30 -37.60 2.17 46.53
N GLY B 31 -37.71 3.40 46.02
CA GLY B 31 -36.52 4.17 45.70
C GLY B 31 -36.30 4.54 44.24
N SER B 32 -35.06 4.90 43.92
CA SER B 32 -34.68 5.40 42.60
C SER B 32 -33.74 4.43 41.89
N GLY B 33 -33.54 4.62 40.58
CA GLY B 33 -32.69 3.75 39.81
C GLY B 33 -32.70 4.01 38.32
N TYR B 34 -31.59 3.71 37.66
CA TYR B 34 -31.51 3.76 36.21
C TYR B 34 -31.65 2.37 35.61
N ALA B 35 -32.14 2.29 34.38
CA ALA B 35 -32.20 1.04 33.64
C ALA B 35 -32.25 1.32 32.14
N ALA B 36 -31.39 0.66 31.38
CA ALA B 36 -31.42 0.82 29.94
C ALA B 36 -32.64 0.10 29.35
N ASP B 37 -33.20 0.66 28.28
CA ASP B 37 -34.17 -0.07 27.47
C ASP B 37 -33.35 -0.90 26.51
N ARG B 38 -33.20 -2.20 26.82
CA ARG B 38 -32.29 -3.06 26.05
C ARG B 38 -32.72 -3.17 24.59
N GLU B 39 -34.02 -3.22 24.36
CA GLU B 39 -34.58 -3.45 23.02
C GLU B 39 -34.22 -2.33 22.03
N SER B 40 -34.49 -1.08 22.40
CA SER B 40 -34.16 0.05 21.53
C SER B 40 -32.64 0.29 21.47
N THR B 41 -31.95 0.03 22.58
CA THR B 41 -30.50 0.12 22.58
C THR B 41 -29.90 -0.90 21.63
N GLN B 42 -30.33 -2.16 21.75
CA GLN B 42 -29.76 -3.23 20.96
C GLN B 42 -30.01 -3.00 19.47
N LYS B 43 -31.23 -2.60 19.15
CA LYS B 43 -31.62 -2.29 17.79
C LYS B 43 -30.72 -1.20 17.20
N ALA B 44 -30.40 -0.20 18.02
CA ALA B 44 -29.54 0.89 17.57
C ALA B 44 -28.09 0.41 17.39
N ILE B 45 -27.61 -0.38 18.34
CA ILE B 45 -26.29 -0.98 18.24
C ILE B 45 -26.20 -1.80 16.94
N ASP B 46 -27.23 -2.59 16.65
CA ASP B 46 -27.23 -3.40 15.44
C ASP B 46 -27.22 -2.56 14.16
N GLY B 47 -28.06 -1.52 14.12
CA GLY B 47 -28.10 -0.65 12.96
C GLY B 47 -26.76 0.03 12.70
N ILE B 48 -26.22 0.64 13.75
CA ILE B 48 -24.97 1.38 13.65
C ILE B 48 -23.78 0.48 13.35
N THR B 49 -23.75 -0.70 13.97
CA THR B 49 -22.74 -1.70 13.66
C THR B 49 -22.82 -2.11 12.19
N ASN B 50 -24.05 -2.19 11.68
CA ASN B 50 -24.24 -2.51 10.28
C ASN B 50 -23.73 -1.39 9.38
N LYS B 51 -23.97 -0.15 9.79
CA LYS B 51 -23.53 1.00 9.00
C LYS B 51 -22.01 1.06 8.92
N VAL B 52 -21.35 0.89 10.06
CA VAL B 52 -19.90 0.88 10.12
C VAL B 52 -19.33 -0.23 9.23
N ASN B 53 -19.83 -1.45 9.35
CA ASN B 53 -19.34 -2.56 8.54
C ASN B 53 -19.62 -2.38 7.05
N SER B 54 -20.75 -1.78 6.71
CA SER B 54 -21.09 -1.55 5.31
C SER B 54 -20.11 -0.55 4.70
N ILE B 55 -19.76 0.49 5.45
CA ILE B 55 -18.78 1.48 5.00
C ILE B 55 -17.42 0.85 4.80
N ILE B 56 -16.96 0.11 5.81
CA ILE B 56 -15.70 -0.61 5.72
C ILE B 56 -15.66 -1.54 4.50
N ASN B 57 -16.75 -2.25 4.27
CA ASN B 57 -16.84 -3.19 3.15
C ASN B 57 -16.78 -2.51 1.77
N LYS B 58 -17.31 -1.30 1.66
CA LYS B 58 -17.32 -0.57 0.38
C LYS B 58 -15.98 0.11 0.12
N MET B 59 -15.25 0.38 1.20
CA MET B 59 -13.96 1.02 1.13
C MET B 59 -12.85 -0.03 1.10
N ASN B 60 -13.23 -1.24 0.71
CA ASN B 60 -12.34 -2.41 0.78
C ASN B 60 -11.59 -2.69 -0.53
N THR B 61 -11.47 -1.68 -1.39
CA THR B 61 -10.59 -1.79 -2.54
C THR B 61 -9.45 -0.80 -2.35
N GLN B 62 -8.35 -0.98 -3.06
CA GLN B 62 -7.26 -0.01 -3.01
C GLN B 62 -6.80 0.33 -4.42
N PHE B 63 -6.59 1.62 -4.68
CA PHE B 63 -5.90 2.01 -5.89
C PHE B 63 -4.40 1.86 -5.62
N GLU B 64 -3.67 1.24 -6.54
CA GLU B 64 -2.26 0.96 -6.29
C GLU B 64 -1.32 1.78 -7.17
N ALA B 65 -0.54 2.64 -6.51
CA ALA B 65 0.48 3.43 -7.20
C ALA B 65 1.71 2.56 -7.41
N VAL B 66 2.53 2.93 -8.40
CA VAL B 66 3.67 2.10 -8.76
C VAL B 66 5.00 2.83 -8.63
N ASP B 67 6.07 2.05 -8.56
CA ASP B 67 7.42 2.58 -8.46
C ASP B 67 8.08 2.72 -9.82
N HIS B 68 7.28 2.63 -10.89
CA HIS B 68 7.79 2.66 -12.25
C HIS B 68 8.50 3.98 -12.56
N GLU B 69 9.59 3.90 -13.31
CA GLU B 69 10.36 5.08 -13.66
C GLU B 69 10.12 5.51 -15.10
N PHE B 70 10.51 6.74 -15.41
CA PHE B 70 10.34 7.27 -16.75
C PHE B 70 11.57 8.09 -17.13
N SER B 71 12.04 7.93 -18.36
CA SER B 71 13.24 8.63 -18.82
C SER B 71 12.94 10.11 -19.09
N ASN B 72 13.98 10.85 -19.48
CA ASN B 72 13.84 12.26 -19.81
C ASN B 72 12.94 12.50 -21.02
N LEU B 73 12.83 11.48 -21.88
CA LEU B 73 12.01 11.58 -23.10
C LEU B 73 10.65 10.89 -22.94
N GLU B 74 10.26 10.64 -21.69
CA GLU B 74 8.96 10.07 -21.38
C GLU B 74 8.25 10.97 -20.37
N ARG B 75 8.50 12.27 -20.51
CA ARG B 75 7.91 13.28 -19.66
C ARG B 75 6.38 13.26 -19.73
N ARG B 76 5.84 13.06 -20.93
CA ARG B 76 4.38 13.02 -21.11
C ARG B 76 3.71 11.86 -20.36
N ILE B 77 4.21 10.64 -20.55
CA ILE B 77 3.61 9.49 -19.87
C ILE B 77 3.93 9.50 -18.38
N GLY B 78 5.12 9.96 -18.02
CA GLY B 78 5.48 10.12 -16.61
C GLY B 78 4.47 11.03 -15.89
N ASN B 79 4.08 12.11 -16.54
CA ASN B 79 3.17 13.09 -15.94
C ASN B 79 1.72 12.61 -16.01
N LEU B 80 1.43 11.78 -17.00
CA LEU B 80 0.12 11.16 -17.11
C LEU B 80 -0.07 10.23 -15.91
N ASN B 81 0.93 9.40 -15.64
CA ASN B 81 0.88 8.50 -14.51
C ASN B 81 0.71 9.26 -13.19
N LYS B 82 1.46 10.35 -13.05
CA LYS B 82 1.38 11.16 -11.85
C LYS B 82 -0.01 11.77 -11.67
N ARG B 83 -0.54 12.39 -12.72
CA ARG B 83 -1.86 13.01 -12.65
C ARG B 83 -2.96 11.98 -12.39
N MET B 84 -2.78 10.77 -12.92
CA MET B 84 -3.73 9.70 -12.67
C MET B 84 -3.73 9.29 -11.20
N GLU B 85 -2.54 9.00 -10.67
CA GLU B 85 -2.42 8.61 -9.28
C GLU B 85 -2.96 9.71 -8.36
N ASP B 86 -2.52 10.95 -8.56
CA ASP B 86 -3.05 12.06 -7.80
C ASP B 86 -4.57 12.21 -8.01
N GLY B 87 -5.03 11.90 -9.21
CA GLY B 87 -6.45 11.90 -9.51
C GLY B 87 -7.26 11.02 -8.58
N PHE B 88 -6.93 9.73 -8.53
CA PHE B 88 -7.68 8.79 -7.69
C PHE B 88 -7.50 9.08 -6.20
N LEU B 89 -6.30 9.48 -5.81
CA LEU B 89 -6.05 9.89 -4.43
C LEU B 89 -7.02 11.00 -4.00
N ASP B 90 -7.25 11.95 -4.90
CA ASP B 90 -8.17 13.05 -4.60
C ASP B 90 -9.63 12.59 -4.52
N VAL B 91 -10.09 11.73 -5.43
CA VAL B 91 -11.49 11.28 -5.31
C VAL B 91 -11.73 10.42 -4.08
N TRP B 92 -10.78 9.55 -3.74
CA TRP B 92 -10.98 8.70 -2.57
C TRP B 92 -10.93 9.46 -1.24
N THR B 93 -10.05 10.45 -1.16
CA THR B 93 -9.99 11.33 0.02
C THR B 93 -11.32 12.06 0.16
N TYR B 94 -11.81 12.59 -0.96
CA TYR B 94 -13.10 13.26 -0.98
C TYR B 94 -14.20 12.30 -0.52
N ASN B 95 -14.26 11.13 -1.13
CA ASN B 95 -15.28 10.14 -0.78
C ASN B 95 -15.29 9.81 0.71
N ALA B 96 -14.10 9.56 1.25
CA ALA B 96 -13.98 9.22 2.68
C ALA B 96 -14.36 10.39 3.59
N GLU B 97 -13.80 11.58 3.35
CA GLU B 97 -14.05 12.72 4.23
C GLU B 97 -15.51 13.16 4.18
N LEU B 98 -16.08 13.15 2.98
CA LEU B 98 -17.48 13.57 2.82
C LEU B 98 -18.43 12.56 3.44
N LEU B 99 -18.18 11.28 3.21
CA LEU B 99 -19.03 10.22 3.80
C LEU B 99 -19.08 10.33 5.32
N VAL B 100 -17.93 10.54 5.93
CA VAL B 100 -17.82 10.61 7.38
C VAL B 100 -18.62 11.78 7.96
N LEU B 101 -18.55 12.94 7.32
CA LEU B 101 -19.30 14.11 7.78
C LEU B 101 -20.79 13.86 7.65
N LEU B 102 -21.19 13.31 6.50
CA LEU B 102 -22.60 13.02 6.24
C LEU B 102 -23.12 11.96 7.22
N GLU B 103 -22.37 10.87 7.37
CA GLU B 103 -22.81 9.79 8.24
C GLU B 103 -22.85 10.17 9.72
N ASN B 104 -21.89 10.99 10.17
CA ASN B 104 -21.92 11.45 11.55
C ASN B 104 -23.16 12.26 11.85
N GLU B 105 -23.55 13.13 10.91
CA GLU B 105 -24.73 13.95 11.09
C GLU B 105 -25.99 13.09 11.21
N ARG B 106 -26.07 12.05 10.40
CA ARG B 106 -27.25 11.19 10.38
C ARG B 106 -27.25 10.20 11.55
N THR B 107 -26.07 9.79 11.99
CA THR B 107 -25.97 8.92 13.16
C THR B 107 -26.53 9.64 14.40
N LEU B 108 -26.12 10.88 14.61
CA LEU B 108 -26.59 11.66 15.75
C LEU B 108 -28.10 11.91 15.69
N ASP B 109 -28.64 12.12 14.49
CA ASP B 109 -30.08 12.27 14.31
C ASP B 109 -30.83 10.98 14.67
N LEU B 110 -30.26 9.84 14.26
CA LEU B 110 -30.85 8.55 14.60
C LEU B 110 -31.07 8.40 16.10
N HIS B 111 -30.02 8.64 16.89
CA HIS B 111 -30.12 8.58 18.36
C HIS B 111 -31.18 9.54 18.88
N ASP B 112 -31.13 10.77 18.40
CA ASP B 112 -32.13 11.79 18.74
C ASP B 112 -33.54 11.25 18.51
N ALA B 113 -33.77 10.68 17.31
CA ALA B 113 -35.08 10.11 16.99
C ALA B 113 -35.45 8.97 17.92
N ASN B 114 -34.49 8.07 18.19
CA ASN B 114 -34.75 6.96 19.08
C ASN B 114 -35.15 7.37 20.50
N VAL B 115 -34.47 8.38 21.05
CA VAL B 115 -34.83 8.89 22.37
C VAL B 115 -36.23 9.49 22.29
N LYS B 116 -36.47 10.24 21.22
CA LYS B 116 -37.78 10.85 21.00
C LYS B 116 -38.88 9.79 20.93
N ASN B 117 -38.67 8.73 20.17
CA ASN B 117 -39.68 7.70 20.03
C ASN B 117 -39.93 6.93 21.32
N LEU B 118 -38.88 6.73 22.10
CA LEU B 118 -39.01 6.09 23.41
C LEU B 118 -39.91 6.92 24.34
N TYR B 119 -39.68 8.23 24.36
CA TYR B 119 -40.53 9.16 25.12
C TYR B 119 -42.00 9.09 24.68
N GLU B 120 -42.24 9.09 23.38
CA GLU B 120 -43.61 9.00 22.86
C GLU B 120 -44.26 7.69 23.26
N LYS B 121 -43.48 6.62 23.20
CA LYS B 121 -43.93 5.27 23.56
C LYS B 121 -44.47 5.23 24.99
N VAL B 122 -43.81 5.95 25.88
CA VAL B 122 -44.23 6.02 27.28
C VAL B 122 -45.43 6.94 27.47
N LYS B 123 -45.39 8.11 26.84
CA LYS B 123 -46.51 9.06 26.88
C LYS B 123 -47.81 8.40 26.40
N SER B 124 -47.71 7.57 25.38
CA SER B 124 -48.88 6.95 24.77
C SER B 124 -49.56 5.94 25.71
N GLN B 125 -48.76 5.30 26.57
CA GLN B 125 -49.29 4.35 27.54
C GLN B 125 -49.95 5.03 28.74
N LEU B 126 -49.31 6.08 29.25
CA LEU B 126 -49.74 6.70 30.50
C LEU B 126 -51.07 7.38 30.18
N ARG B 127 -51.05 8.29 29.21
CA ARG B 127 -52.15 9.22 28.91
C ARG B 127 -52.53 9.95 30.22
N ASP B 128 -53.80 9.87 30.60
CA ASP B 128 -54.32 10.60 31.77
C ASP B 128 -53.52 10.35 33.03
N ASN B 129 -53.17 9.08 33.26
CA ASN B 129 -52.65 8.62 34.54
C ASN B 129 -51.35 9.27 35.03
N ALA B 130 -50.70 10.06 34.18
CA ALA B 130 -49.47 10.74 34.58
C ALA B 130 -49.42 12.16 34.03
N ASN B 131 -48.65 13.02 34.69
CA ASN B 131 -48.44 14.39 34.25
C ASN B 131 -47.08 14.55 33.57
N ASP B 132 -47.08 15.06 32.33
CA ASP B 132 -45.85 15.29 31.56
C ASP B 132 -45.24 16.63 31.98
N LEU B 133 -44.03 16.59 32.52
CA LEU B 133 -43.37 17.81 32.99
C LEU B 133 -42.62 18.58 31.90
N GLY B 134 -42.60 18.05 30.68
CA GLY B 134 -41.96 18.72 29.56
C GLY B 134 -40.45 18.54 29.51
N ASN B 135 -39.94 17.56 30.25
CA ASN B 135 -38.50 17.30 30.28
C ASN B 135 -38.19 15.81 30.23
N GLY B 136 -39.13 15.02 29.72
CA GLY B 136 -38.96 13.59 29.64
C GLY B 136 -39.40 12.88 30.91
N CYS B 137 -39.91 13.64 31.88
CA CYS B 137 -40.35 13.03 33.13
C CYS B 137 -41.87 13.01 33.27
N PHE B 138 -42.39 11.90 33.79
CA PHE B 138 -43.82 11.76 34.01
C PHE B 138 -44.11 11.54 35.49
N GLU B 139 -44.93 12.41 36.08
CA GLU B 139 -45.35 12.21 37.47
C GLU B 139 -46.69 11.48 37.51
N PHE B 140 -46.70 10.32 38.16
CA PHE B 140 -47.91 9.50 38.23
C PHE B 140 -49.00 10.09 39.14
N TRP B 141 -50.25 10.00 38.70
CA TRP B 141 -51.38 10.38 39.53
C TRP B 141 -51.79 9.21 40.41
N HIS B 142 -50.95 8.18 40.44
CA HIS B 142 -51.23 7.01 41.26
C HIS B 142 -49.93 6.38 41.75
N LYS B 143 -50.06 5.35 42.58
CA LYS B 143 -48.88 4.65 43.07
C LYS B 143 -48.38 3.63 42.06
N CYS B 144 -47.11 3.77 41.68
CA CYS B 144 -46.51 2.85 40.73
C CYS B 144 -45.35 2.12 41.38
N ASP B 145 -45.61 0.90 41.86
CA ASP B 145 -44.55 0.08 42.45
C ASP B 145 -43.60 -0.48 41.38
N ASN B 146 -42.71 -1.39 41.77
CA ASN B 146 -41.70 -1.92 40.85
C ASN B 146 -42.26 -2.66 39.64
N GLU B 147 -43.38 -3.36 39.82
CA GLU B 147 -44.00 -4.09 38.72
C GLU B 147 -44.75 -3.17 37.77
N CYS B 148 -45.34 -2.11 38.33
CA CYS B 148 -45.96 -1.07 37.53
C CYS B 148 -44.90 -0.36 36.69
N MET B 149 -43.77 -0.03 37.32
CA MET B 149 -42.63 0.55 36.60
C MET B 149 -42.19 -0.35 35.46
N GLU B 150 -42.04 -1.64 35.75
CA GLU B 150 -41.57 -2.59 34.75
C GLU B 150 -42.57 -2.77 33.61
N SER B 151 -43.85 -2.61 33.92
CA SER B 151 -44.89 -2.74 32.90
C SER B 151 -44.80 -1.58 31.89
N VAL B 152 -44.53 -0.37 32.40
CA VAL B 152 -44.31 0.79 31.53
C VAL B 152 -43.11 0.55 30.59
N LYS B 153 -42.07 -0.06 31.13
CA LYS B 153 -40.84 -0.30 30.38
C LYS B 153 -40.93 -1.40 29.33
N ASN B 154 -41.78 -2.41 29.55
CA ASN B 154 -41.97 -3.46 28.54
C ASN B 154 -43.24 -3.29 27.73
N GLY B 155 -43.87 -2.13 27.87
CA GLY B 155 -45.03 -1.77 27.07
C GLY B 155 -46.28 -2.57 27.36
N THR B 156 -46.50 -2.92 28.62
CA THR B 156 -47.70 -3.63 29.03
C THR B 156 -48.44 -2.89 30.14
N TYR B 157 -48.18 -1.59 30.25
CA TYR B 157 -48.82 -0.77 31.28
C TYR B 157 -50.35 -0.85 31.20
N ASP B 158 -50.99 -0.96 32.36
CA ASP B 158 -52.42 -1.19 32.44
C ASP B 158 -53.16 0.10 32.78
N TYR B 159 -53.47 0.91 31.77
CA TYR B 159 -54.16 2.19 32.00
C TYR B 159 -55.47 2.10 32.79
N PRO B 160 -56.41 1.22 32.37
CA PRO B 160 -57.70 1.20 33.09
C PRO B 160 -57.60 0.72 34.54
N LYS B 161 -56.55 -0.05 34.84
CA LYS B 161 -56.31 -0.52 36.21
C LYS B 161 -56.07 0.64 37.19
N TYR B 162 -55.52 1.73 36.68
CA TYR B 162 -55.14 2.85 37.54
C TYR B 162 -55.92 4.13 37.30
N GLN B 163 -56.89 4.12 36.38
CA GLN B 163 -57.53 5.39 36.00
C GLN B 163 -58.45 6.01 37.05
N LYS B 164 -59.14 5.19 37.84
CA LYS B 164 -59.98 5.71 38.92
C LYS B 164 -59.15 6.45 39.95
N GLU B 165 -58.09 5.78 40.44
CA GLU B 165 -57.17 6.35 41.40
C GLU B 165 -56.49 7.61 40.87
N SER B 166 -56.09 7.57 39.60
CA SER B 166 -55.45 8.71 38.95
C SER B 166 -56.40 9.91 38.83
N LYS B 167 -57.59 9.65 38.29
CA LYS B 167 -58.61 10.67 38.08
C LYS B 167 -58.96 11.40 39.37
N LEU B 168 -59.04 10.65 40.46
CA LEU B 168 -59.31 11.20 41.78
C LEU B 168 -58.22 12.20 42.20
N ASN B 169 -56.96 11.79 42.07
CA ASN B 169 -55.84 12.65 42.44
C ASN B 169 -55.61 13.80 41.45
N ARG B 170 -55.89 13.55 40.17
CA ARG B 170 -55.70 14.55 39.12
C ARG B 170 -56.65 15.74 39.26
N GLN B 171 -57.93 15.45 39.51
CA GLN B 171 -58.97 16.48 39.59
C GLN B 171 -59.14 17.08 40.99
C1 GAL C . 46.48 13.30 -26.43
C2 GAL C . 45.52 12.47 -25.59
C3 GAL C . 45.16 11.13 -26.24
C4 GAL C . 44.90 11.29 -27.73
C5 GAL C . 46.02 12.09 -28.38
C6 GAL C . 45.82 12.21 -29.88
O1 GAL C . 46.51 14.62 -25.92
O2 GAL C . 46.12 12.22 -24.33
O3 GAL C . 44.01 10.58 -25.62
O4 GAL C . 43.66 11.95 -27.91
O5 GAL C . 46.08 13.36 -27.78
O6 GAL C . 46.75 13.14 -30.42
C1 NAG C . 44.30 9.44 -24.81
C2 NAG C . 43.87 9.53 -23.35
C3 NAG C . 44.08 8.21 -22.60
C4 NAG C . 43.63 7.00 -23.41
C5 NAG C . 44.11 7.08 -24.86
C6 NAG C . 43.56 5.94 -25.70
C7 NAG C . 43.87 11.53 -21.96
C8 NAG C . 44.66 12.45 -21.08
N2 NAG C . 44.54 10.60 -22.65
O3 NAG C . 43.38 8.27 -21.38
O4 NAG C . 44.14 5.82 -22.82
O5 NAG C . 43.73 8.31 -25.42
O6 NAG C . 43.72 6.22 -27.09
O7 NAG C . 42.64 11.65 -22.06
C1 GAL C . 43.11 5.28 -21.95
C2 GAL C . 43.43 3.79 -21.84
C3 GAL C . 42.69 3.11 -20.70
C4 GAL C . 42.69 3.94 -19.42
C5 GAL C . 42.38 5.40 -19.71
C6 GAL C . 42.47 6.24 -18.44
O2 GAL C . 43.08 3.15 -23.08
O3 GAL C . 43.23 1.83 -20.46
O4 GAL C . 43.98 3.84 -18.79
O5 GAL C . 43.30 5.90 -20.68
O6 GAL C . 41.48 5.81 -17.50
C1 SIA C . 41.21 0.51 -19.51
C2 SIA C . 42.31 0.74 -20.51
C3 SIA C . 43.27 -0.44 -20.45
C4 SIA C . 42.56 -1.77 -20.75
C5 SIA C . 41.89 -1.89 -22.07
C6 SIA C . 41.11 -0.61 -22.31
C7 SIA C . 40.64 -0.44 -23.76
C8 SIA C . 39.93 0.90 -23.89
C9 SIA C . 39.11 0.99 -25.16
C10 SIA C . 40.65 -3.61 -23.21
C11 SIA C . 39.91 -4.91 -23.09
N5 SIA C . 41.00 -3.03 -22.08
O1A SIA C . 40.03 0.51 -19.90
O1B SIA C . 41.52 0.31 -18.32
O4 SIA C . 43.51 -2.84 -20.64
O6 SIA C . 41.77 0.61 -21.86
O7 SIA C . 41.77 -0.48 -24.63
O8 SIA C . 39.07 1.10 -22.77
O9 SIA C . 38.61 2.33 -25.30
O10 SIA C . 40.91 -3.12 -24.30
C1 NAG D . -43.71 -6.79 31.69
C2 NAG D . -43.66 -8.30 31.45
C3 NAG D . -44.54 -9.12 32.39
C4 NAG D . -44.74 -8.52 33.79
C5 NAG D . -44.84 -7.01 33.74
C6 NAG D . -44.90 -6.40 35.14
C7 NAG D . -43.24 -8.98 29.13
C8 NAG D . -43.49 -8.42 27.75
N2 NAG D . -44.08 -8.56 30.08
O3 NAG D . -43.98 -10.40 32.53
O4 NAG D . -45.93 -9.06 34.32
O5 NAG D . -43.72 -6.49 33.07
O6 NAG D . -43.75 -6.77 35.87
O7 NAG D . -42.32 -9.76 29.33
C1 NAG D . -45.68 -9.83 35.50
C2 NAG D . -47.02 -10.02 36.20
C3 NAG D . -46.78 -10.61 37.56
C4 NAG D . -46.11 -11.96 37.38
C5 NAG D . -44.90 -11.90 36.44
C6 NAG D . -44.57 -13.31 35.95
C7 NAG D . -48.95 -8.65 35.68
C8 NAG D . -49.16 -9.37 34.39
N2 NAG D . -47.76 -8.77 36.26
O3 NAG D . -48.03 -10.73 38.23
O4 NAG D . -45.73 -12.49 38.63
O5 NAG D . -45.10 -11.10 35.28
O6 NAG D . -44.97 -13.43 34.59
O7 NAG D . -49.85 -7.97 36.16
C1 BMA D . -46.76 -13.39 39.11
C2 BMA D . -46.16 -14.53 39.91
C3 BMA D . -47.26 -15.53 40.25
C4 BMA D . -48.43 -14.83 40.91
C5 BMA D . -48.88 -13.61 40.11
C6 BMA D . -49.96 -12.85 40.86
O2 BMA D . -45.60 -14.01 41.13
O3 BMA D . -46.73 -16.54 41.13
O4 BMA D . -49.52 -15.76 41.02
O5 BMA D . -47.78 -12.75 39.85
O6 BMA D . -50.41 -11.74 40.07
C1 NAG E . -11.58 21.84 17.38
C2 NAG E . -10.91 21.79 18.75
C3 NAG E . -9.42 22.03 18.60
C4 NAG E . -8.86 20.92 17.73
C5 NAG E . -9.52 20.96 16.37
C6 NAG E . -9.12 19.73 15.55
C7 NAG E . -12.05 22.36 20.80
C8 NAG E . -13.55 22.48 20.90
N2 NAG E . -11.50 22.75 19.66
O3 NAG E . -8.80 22.05 19.86
O4 NAG E . -7.47 21.07 17.60
O5 NAG E . -10.94 21.02 16.42
O6 NAG E . -9.78 19.73 14.30
O7 NAG E . -11.40 21.93 21.76
C1 NAG F . 16.26 -27.07 -29.55
C2 NAG F . 15.13 -28.03 -29.23
C3 NAG F . 14.40 -28.46 -30.50
C4 NAG F . 14.04 -27.25 -31.35
C5 NAG F . 15.25 -26.34 -31.55
C6 NAG F . 14.87 -25.09 -32.33
C7 NAG F . 14.83 -30.17 -28.12
C8 NAG F . 15.49 -31.28 -27.36
N2 NAG F . 15.63 -29.21 -28.55
O3 NAG F . 13.20 -29.17 -30.15
O4 NAG F . 13.56 -27.68 -32.64
O5 NAG F . 15.76 -25.96 -30.27
O6 NAG F . 15.99 -24.66 -33.11
O7 NAG F . 13.62 -30.14 -28.32
#